data_6P6V
#
_entry.id   6P6V
#
_cell.length_a   39.551
_cell.length_b   60.147
_cell.length_c   83.788
_cell.angle_alpha   90.00
_cell.angle_beta   90.00
_cell.angle_gamma   90.00
#
_symmetry.space_group_name_H-M   'P 21 21 21'
#
loop_
_entity.id
_entity.type
_entity.pdbx_description
1 polymer 'Non-structural protein 4A,Serine protease NS3'
2 non-polymer 'ZINC ION'
3 non-polymer 'CHLORIDE ION'
4 non-polymer 1,2-ETHANEDIOL
5 non-polymer Glecaprevir
6 water water
#
_entity_poly.entity_id   1
_entity_poly.type   'polypeptide(L)'
_entity_poly.pdbx_seq_one_letter_code
;GSHMASMKKKGSVAIVGRIILSGDTAYAQQTRGEEGAQEVSQTGRDKNEAEGEVQVLSTATQTFLGTCINGVMWTVFHGA
GAKTLAGPKGPVVQMYTNVDKDLVGWPTPPGTRSLTPCTCGSADLYLVTRHADVVPARRRGDTRASLLSPRPISYLKGSS
GGPVMCPSGHVVGVFRAAVCTRGVAKALDFIPVENLETTMRSP
;
_entity_poly.pdbx_strand_id   A
#
loop_
_chem_comp.id
_chem_comp.type
_chem_comp.name
_chem_comp.formula
CL non-polymer 'CHLORIDE ION' 'Cl -1'
EDO non-polymer 1,2-ETHANEDIOL 'C2 H6 O2'
O31 non-polymer Glecaprevir 'C38 H46 F4 N6 O9 S'
ZN non-polymer 'ZINC ION' 'Zn 2'
#
# COMPACT_ATOMS: atom_id res chain seq x y z
N GLY A 11 18.59 -8.51 -1.07
CA GLY A 11 17.99 -7.21 -1.35
C GLY A 11 16.81 -6.88 -0.45
N SER A 12 16.72 -5.63 -0.02
CA SER A 12 15.66 -5.16 0.84
C SER A 12 14.66 -4.30 0.07
N VAL A 13 13.50 -4.10 0.68
CA VAL A 13 12.55 -3.09 0.20
C VAL A 13 12.97 -1.75 0.77
N ALA A 14 12.90 -0.72 -0.05
CA ALA A 14 13.31 0.62 0.33
C ALA A 14 12.15 1.59 0.21
N ILE A 15 12.04 2.50 1.17
CA ILE A 15 11.16 3.65 1.03
C ILE A 15 11.80 4.65 0.09
N VAL A 16 11.05 5.07 -0.94
CA VAL A 16 11.57 6.02 -1.93
C VAL A 16 10.66 7.23 -2.07
N GLY A 17 9.63 7.32 -1.24
CA GLY A 17 8.71 8.45 -1.29
C GLY A 17 7.54 8.16 -0.39
N ARG A 18 6.62 9.12 -0.33
CA ARG A 18 5.37 8.96 0.37
C ARG A 18 4.24 9.65 -0.38
N ILE A 19 3.04 9.15 -0.17
CA ILE A 19 1.84 9.73 -0.77
C ILE A 19 1.14 10.51 0.33
N ILE A 20 1.18 11.83 0.23
CA ILE A 20 0.64 12.70 1.28
C ILE A 20 -0.86 12.83 1.04
N LEU A 21 -1.64 12.46 2.04
CA LEU A 21 -3.09 12.52 1.95
C LEU A 21 -3.59 13.82 2.55
N SER A 22 -4.40 14.55 1.78
CA SER A 22 -5.03 15.80 2.25
C SER A 22 -6.52 15.73 1.95
N GLY A 23 -7.16 14.70 2.50
CA GLY A 23 -8.58 14.50 2.32
C GLY A 23 -8.98 14.15 0.91
N ASP A 24 -9.49 15.15 0.17
CA ASP A 24 -9.97 14.90 -1.18
C ASP A 24 -8.85 14.64 -2.17
N THR A 25 -7.65 15.11 -1.86
N THR A 25 -7.66 15.16 -1.91
CA THR A 25 -6.53 15.14 -2.80
CA THR A 25 -6.57 15.05 -2.86
C THR A 25 -5.32 14.49 -2.16
C THR A 25 -5.34 14.45 -2.19
N ALA A 26 -4.34 14.15 -3.00
CA ALA A 26 -3.09 13.56 -2.53
C ALA A 26 -1.95 14.11 -3.38
N TYR A 27 -0.74 13.97 -2.85
CA TYR A 27 0.46 14.44 -3.53
C TYR A 27 1.57 13.44 -3.32
N ALA A 28 2.28 13.12 -4.39
CA ALA A 28 3.39 12.16 -4.36
C ALA A 28 4.69 12.92 -4.16
N GLN A 29 5.36 12.66 -3.04
CA GLN A 29 6.63 13.29 -2.75
C GLN A 29 7.74 12.23 -2.81
N GLN A 30 8.66 12.41 -3.76
CA GLN A 30 9.81 11.51 -3.87
C GLN A 30 10.83 11.87 -2.81
N THR A 31 11.41 10.83 -2.20
CA THR A 31 12.47 10.99 -1.21
C THR A 31 13.78 10.33 -1.61
N ARG A 32 13.78 9.48 -2.62
CA ARG A 32 14.98 8.78 -3.07
C ARG A 32 14.97 8.71 -4.59
N GLY A 33 16.08 9.10 -5.21
CA GLY A 33 16.29 8.84 -6.62
C GLY A 33 16.66 7.38 -6.86
N GLU A 34 16.92 7.07 -8.13
CA GLU A 34 17.22 5.69 -8.49
C GLU A 34 18.46 5.18 -7.77
N GLU A 35 19.53 5.99 -7.73
CA GLU A 35 20.77 5.55 -7.10
C GLU A 35 20.60 5.36 -5.60
N GLY A 36 20.00 6.35 -4.93
CA GLY A 36 19.74 6.21 -3.51
C GLY A 36 18.83 5.03 -3.21
N ALA A 37 17.79 4.85 -4.01
CA ALA A 37 16.89 3.73 -3.84
C ALA A 37 17.66 2.41 -3.87
N GLN A 38 18.49 2.24 -4.91
CA GLN A 38 19.25 0.99 -5.03
C GLN A 38 20.18 0.80 -3.85
N GLU A 39 20.81 1.87 -3.37
CA GLU A 39 21.73 1.74 -2.24
C GLU A 39 20.99 1.30 -0.97
N VAL A 40 19.84 1.91 -0.70
CA VAL A 40 19.07 1.53 0.49
C VAL A 40 18.66 0.07 0.41
N SER A 41 18.23 -0.38 -0.78
CA SER A 41 17.82 -1.77 -0.94
C SER A 41 19.01 -2.72 -0.80
N GLN A 42 20.18 -2.32 -1.30
N GLN A 42 20.19 -2.32 -1.30
CA GLN A 42 21.35 -3.19 -1.22
CA GLN A 42 21.36 -3.17 -1.23
C GLN A 42 21.84 -3.33 0.21
C GLN A 42 21.84 -3.33 0.20
N THR A 43 21.98 -2.21 0.92
CA THR A 43 22.51 -2.25 2.28
C THR A 43 21.45 -2.58 3.31
N GLY A 44 20.17 -2.44 2.98
CA GLY A 44 19.13 -2.66 3.96
C GLY A 44 19.12 -1.65 5.09
N ARG A 45 19.78 -0.52 4.90
CA ARG A 45 19.89 0.51 5.93
C ARG A 45 19.36 1.82 5.38
N ASP A 46 18.51 2.48 6.17
CA ASP A 46 17.82 3.70 5.73
C ASP A 46 17.85 4.67 6.89
N LYS A 47 18.59 5.76 6.73
CA LYS A 47 18.76 6.76 7.77
C LYS A 47 17.75 7.91 7.68
N ASN A 48 16.95 7.97 6.62
CA ASN A 48 15.94 9.02 6.52
C ASN A 48 14.84 8.77 7.55
N GLU A 49 14.39 9.85 8.19
CA GLU A 49 13.30 9.77 9.14
C GLU A 49 11.99 9.71 8.35
N ALA A 50 11.31 8.58 8.41
CA ALA A 50 10.07 8.41 7.66
C ALA A 50 8.92 9.15 8.33
N GLU A 51 7.91 9.45 7.54
CA GLU A 51 6.67 10.00 8.08
C GLU A 51 5.56 9.74 7.09
N GLY A 52 4.32 9.89 7.57
CA GLY A 52 3.14 9.68 6.75
C GLY A 52 2.58 8.28 6.92
N GLU A 53 1.46 8.05 6.24
CA GLU A 53 0.76 6.78 6.32
C GLU A 53 0.89 5.91 5.08
N VAL A 54 1.21 6.49 3.94
CA VAL A 54 1.32 5.76 2.68
C VAL A 54 2.73 5.99 2.15
N GLN A 55 3.48 4.91 1.96
CA GLN A 55 4.84 4.99 1.50
C GLN A 55 4.96 4.42 0.08
N VAL A 56 5.91 4.98 -0.68
CA VAL A 56 6.29 4.42 -1.97
C VAL A 56 7.46 3.48 -1.71
N LEU A 57 7.35 2.24 -2.18
CA LEU A 57 8.32 1.19 -1.89
C LEU A 57 8.93 0.70 -3.19
N SER A 58 10.20 0.29 -3.13
CA SER A 58 10.90 -0.21 -4.29
C SER A 58 11.88 -1.30 -3.89
N THR A 59 11.96 -2.32 -4.72
CA THR A 59 13.04 -3.29 -4.68
C THR A 59 14.03 -2.95 -5.80
N ALA A 60 14.94 -3.87 -6.09
CA ALA A 60 15.88 -3.65 -7.18
C ALA A 60 15.19 -3.63 -8.53
N THR A 61 13.99 -4.21 -8.63
CA THR A 61 13.36 -4.40 -9.93
C THR A 61 11.93 -3.87 -10.03
N GLN A 62 11.22 -3.67 -8.91
N GLN A 62 11.22 -3.66 -8.93
CA GLN A 62 9.82 -3.29 -8.91
CA GLN A 62 9.84 -3.19 -9.03
C GLN A 62 9.60 -2.10 -7.98
C GLN A 62 9.51 -2.22 -7.91
N THR A 63 8.44 -1.47 -8.12
CA THR A 63 8.03 -0.40 -7.22
C THR A 63 6.51 -0.47 -7.04
N PHE A 64 6.06 -0.08 -5.84
CA PHE A 64 4.69 -0.27 -5.41
C PHE A 64 4.46 0.58 -4.17
N LEU A 65 3.43 0.28 -3.39
CA LEU A 65 3.07 1.11 -2.25
C LEU A 65 2.96 0.28 -0.98
N GLY A 66 2.98 0.98 0.14
CA GLY A 66 2.68 0.37 1.43
C GLY A 66 1.82 1.32 2.24
N THR A 67 0.93 0.74 3.03
CA THR A 67 -0.05 1.48 3.81
C THR A 67 0.06 1.09 5.27
N CYS A 68 0.21 2.09 6.13
CA CYS A 68 0.41 1.86 7.57
C CYS A 68 -0.96 1.77 8.24
N ILE A 69 -1.22 0.63 8.87
CA ILE A 69 -2.48 0.37 9.56
C ILE A 69 -2.17 -0.46 10.81
N ASN A 70 -2.67 -0.03 11.96
CA ASN A 70 -2.57 -0.76 13.21
C ASN A 70 -1.11 -1.04 13.59
N GLY A 71 -0.24 -0.08 13.34
CA GLY A 71 1.16 -0.22 13.70
C GLY A 71 1.97 -1.12 12.80
N VAL A 72 1.43 -1.49 11.65
CA VAL A 72 2.11 -2.33 10.66
C VAL A 72 2.02 -1.64 9.32
N MET A 73 3.12 -1.64 8.58
CA MET A 73 3.12 -1.18 7.19
C MET A 73 2.85 -2.41 6.31
N TRP A 74 1.69 -2.43 5.66
CA TRP A 74 1.26 -3.54 4.83
C TRP A 74 1.54 -3.26 3.37
N THR A 75 1.85 -4.34 2.63
CA THR A 75 1.96 -4.28 1.19
C THR A 75 1.65 -5.67 0.64
N VAL A 76 1.86 -5.85 -0.66
CA VAL A 76 1.52 -7.11 -1.35
C VAL A 76 2.75 -8.00 -1.44
N PHE A 77 2.53 -9.31 -1.28
CA PHE A 77 3.62 -10.27 -1.43
C PHE A 77 4.18 -10.25 -2.86
N HIS A 78 3.33 -10.02 -3.86
CA HIS A 78 3.84 -10.03 -5.22
C HIS A 78 4.70 -8.82 -5.52
N GLY A 79 4.77 -7.88 -4.60
CA GLY A 79 5.71 -6.79 -4.73
C GLY A 79 6.94 -6.98 -3.86
N ALA A 80 6.74 -7.33 -2.59
CA ALA A 80 7.85 -7.40 -1.65
C ALA A 80 8.44 -8.79 -1.50
N GLY A 81 7.78 -9.83 -1.97
CA GLY A 81 8.19 -11.16 -1.60
C GLY A 81 8.30 -11.27 -0.10
N ALA A 82 9.32 -12.02 0.34
CA ALA A 82 9.61 -12.15 1.77
C ALA A 82 10.74 -11.22 2.19
N LYS A 83 11.02 -10.19 1.40
CA LYS A 83 12.20 -9.38 1.62
C LYS A 83 12.10 -8.58 2.91
N THR A 84 13.26 -8.27 3.47
CA THR A 84 13.36 -7.36 4.60
C THR A 84 13.13 -5.92 4.14
N LEU A 85 12.81 -5.06 5.11
CA LEU A 85 12.61 -3.64 4.88
C LEU A 85 13.82 -2.89 5.40
N ALA A 86 14.37 -1.99 4.59
CA ALA A 86 15.52 -1.20 5.00
C ALA A 86 15.09 -0.22 6.08
N GLY A 87 15.86 -0.18 7.18
CA GLY A 87 15.52 0.63 8.32
C GLY A 87 16.71 1.31 8.96
N PRO A 88 16.45 2.13 9.99
CA PRO A 88 17.55 2.91 10.59
C PRO A 88 18.59 2.06 11.30
N LYS A 89 18.20 0.90 11.84
CA LYS A 89 19.14 0.00 12.50
C LYS A 89 19.58 -1.14 11.59
N GLY A 90 19.21 -1.10 10.32
CA GLY A 90 19.48 -2.20 9.42
C GLY A 90 18.19 -2.82 8.92
N PRO A 91 18.29 -3.95 8.22
CA PRO A 91 17.09 -4.56 7.62
C PRO A 91 16.17 -5.13 8.69
N VAL A 92 14.87 -4.99 8.44
CA VAL A 92 13.83 -5.44 9.37
C VAL A 92 13.07 -6.60 8.73
N VAL A 93 12.97 -7.72 9.46
CA VAL A 93 12.30 -8.88 8.92
C VAL A 93 10.79 -8.64 8.90
N GLN A 94 10.10 -9.32 8.00
CA GLN A 94 8.64 -9.18 7.91
C GLN A 94 8.01 -9.72 9.19
N MET A 95 6.99 -9.00 9.65
CA MET A 95 6.18 -9.45 10.77
C MET A 95 5.11 -10.43 10.33
N TYR A 96 4.53 -10.21 9.15
CA TYR A 96 3.52 -11.09 8.59
C TYR A 96 3.88 -11.40 7.14
N THR A 97 3.64 -12.65 6.74
CA THR A 97 3.89 -13.08 5.37
C THR A 97 2.81 -14.10 5.03
N ASN A 98 1.84 -13.72 4.18
CA ASN A 98 0.72 -14.57 3.83
C ASN A 98 0.61 -14.63 2.31
N VAL A 99 1.20 -15.66 1.71
N VAL A 99 1.20 -15.66 1.71
CA VAL A 99 1.19 -15.77 0.25
CA VAL A 99 1.19 -15.79 0.26
C VAL A 99 -0.22 -15.99 -0.26
C VAL A 99 -0.23 -15.97 -0.25
N ASP A 100 -1.05 -16.71 0.50
CA ASP A 100 -2.42 -16.97 0.06
C ASP A 100 -3.20 -15.68 -0.12
N LYS A 101 -3.04 -14.73 0.80
CA LYS A 101 -3.74 -13.46 0.71
C LYS A 101 -2.96 -12.42 -0.10
N ASP A 102 -1.75 -12.76 -0.55
CA ASP A 102 -0.87 -11.79 -1.22
C ASP A 102 -0.58 -10.61 -0.30
N LEU A 103 -0.27 -10.91 0.96
CA LEU A 103 -0.14 -9.90 2.00
C LEU A 103 1.13 -10.10 2.79
N VAL A 104 1.86 -8.99 3.01
CA VAL A 104 3.00 -8.97 3.91
C VAL A 104 2.91 -7.70 4.77
N GLY A 105 3.59 -7.74 5.91
CA GLY A 105 3.68 -6.59 6.78
C GLY A 105 4.97 -6.53 7.56
N TRP A 106 5.49 -5.31 7.76
CA TRP A 106 6.60 -5.05 8.65
C TRP A 106 6.12 -4.17 9.79
N PRO A 107 6.80 -4.17 10.94
CA PRO A 107 6.52 -3.12 11.94
C PRO A 107 6.61 -1.75 11.27
N THR A 108 5.63 -0.90 11.55
CA THR A 108 5.57 0.38 10.84
C THR A 108 6.86 1.16 11.10
N PRO A 109 7.47 1.76 10.08
CA PRO A 109 8.74 2.44 10.29
C PRO A 109 8.61 3.53 11.33
N PRO A 110 9.66 3.76 12.12
CA PRO A 110 9.61 4.85 13.10
C PRO A 110 9.28 6.18 12.44
N GLY A 111 8.39 6.94 13.08
CA GLY A 111 7.96 8.22 12.56
C GLY A 111 6.71 8.20 11.71
N THR A 112 6.36 7.05 11.13
CA THR A 112 5.12 6.95 10.38
C THR A 112 3.94 6.91 11.36
N ARG A 113 2.74 7.05 10.81
CA ARG A 113 1.51 6.95 11.57
C ARG A 113 0.53 6.09 10.81
N SER A 114 -0.37 5.45 11.54
CA SER A 114 -1.30 4.50 10.97
C SER A 114 -2.63 5.16 10.65
N LEU A 115 -3.22 4.79 9.51
CA LEU A 115 -4.59 5.14 9.21
C LEU A 115 -5.53 4.38 10.13
N THR A 116 -6.70 4.97 10.38
N THR A 116 -6.72 4.97 10.37
CA THR A 116 -7.68 4.32 11.26
CA THR A 116 -7.72 4.35 11.24
C THR A 116 -8.59 3.41 10.45
C THR A 116 -8.60 3.41 10.44
N PRO A 117 -8.78 2.16 10.87
CA PRO A 117 -9.70 1.27 10.15
C PRO A 117 -11.11 1.84 10.11
N CYS A 118 -11.77 1.67 8.96
CA CYS A 118 -13.09 2.23 8.78
C CYS A 118 -14.13 1.41 9.54
N THR A 119 -14.99 2.11 10.28
CA THR A 119 -16.11 1.50 10.97
C THR A 119 -17.44 2.15 10.59
N CYS A 120 -17.46 2.99 9.55
CA CYS A 120 -18.67 3.70 9.16
C CYS A 120 -19.46 3.00 8.07
N GLY A 121 -18.89 2.00 7.42
CA GLY A 121 -19.64 1.21 6.47
C GLY A 121 -20.03 1.91 5.18
N SER A 122 -19.40 3.04 4.87
CA SER A 122 -19.73 3.76 3.64
C SER A 122 -19.38 2.91 2.42
N ALA A 123 -20.27 2.91 1.44
CA ALA A 123 -20.04 2.18 0.20
C ALA A 123 -19.30 3.02 -0.84
N ASP A 124 -19.07 4.30 -0.57
CA ASP A 124 -18.37 5.19 -1.49
C ASP A 124 -16.90 5.24 -1.11
N LEU A 125 -16.06 4.58 -1.90
CA LEU A 125 -14.65 4.44 -1.61
C LEU A 125 -13.80 5.15 -2.66
N TYR A 126 -12.51 5.29 -2.37
N TYR A 126 -12.50 5.22 -2.39
CA TYR A 126 -11.58 5.80 -3.36
CA TYR A 126 -11.55 5.88 -3.29
C TYR A 126 -10.21 5.20 -3.11
C TYR A 126 -10.17 5.25 -3.09
N LEU A 127 -9.56 4.81 -4.19
CA LEU A 127 -8.19 4.35 -4.17
C LEU A 127 -7.26 5.54 -4.37
N VAL A 128 -6.15 5.55 -3.65
CA VAL A 128 -5.09 6.52 -3.88
C VAL A 128 -3.95 5.77 -4.57
N THR A 129 -3.60 6.20 -5.78
CA THR A 129 -2.59 5.53 -6.58
C THR A 129 -1.20 6.08 -6.28
N ARG A 130 -0.18 5.43 -6.83
CA ARG A 130 1.20 5.85 -6.61
C ARG A 130 1.47 7.23 -7.20
N HIS A 131 0.68 7.64 -8.19
CA HIS A 131 0.82 8.96 -8.77
C HIS A 131 -0.06 9.98 -8.06
N ALA A 132 -0.59 9.64 -6.89
CA ALA A 132 -1.43 10.51 -6.08
C ALA A 132 -2.76 10.80 -6.74
N ASP A 133 -3.19 9.97 -7.68
CA ASP A 133 -4.54 10.09 -8.23
C ASP A 133 -5.55 9.50 -7.26
N VAL A 134 -6.70 10.14 -7.14
CA VAL A 134 -7.81 9.64 -6.34
C VAL A 134 -8.83 9.00 -7.28
N VAL A 135 -9.14 7.73 -7.06
CA VAL A 135 -10.00 6.99 -7.99
C VAL A 135 -11.26 6.52 -7.27
N PRO A 136 -12.40 7.12 -7.55
CA PRO A 136 -13.64 6.72 -6.85
C PRO A 136 -14.06 5.31 -7.24
N ALA A 137 -14.63 4.61 -6.27
CA ALA A 137 -15.13 3.26 -6.48
C ALA A 137 -16.30 3.01 -5.55
N ARG A 138 -17.19 2.11 -5.96
CA ARG A 138 -18.37 1.72 -5.20
C ARG A 138 -18.17 0.30 -4.68
N ARG A 139 -18.31 0.13 -3.37
CA ARG A 139 -18.02 -1.18 -2.78
C ARG A 139 -18.99 -2.23 -3.30
N ARG A 140 -18.46 -3.44 -3.52
CA ARG A 140 -19.22 -4.60 -4.02
C ARG A 140 -18.78 -5.82 -3.22
N GLY A 141 -19.36 -6.01 -2.05
CA GLY A 141 -19.00 -7.13 -1.22
C GLY A 141 -17.75 -6.86 -0.38
N ASP A 142 -17.14 -7.95 0.09
CA ASP A 142 -16.10 -7.84 1.09
C ASP A 142 -14.82 -7.26 0.50
N THR A 143 -14.41 -7.73 -0.67
CA THR A 143 -13.08 -7.42 -1.21
C THR A 143 -13.08 -6.67 -2.53
N ARG A 144 -14.22 -6.19 -3.00
CA ARG A 144 -14.30 -5.60 -4.33
C ARG A 144 -14.96 -4.24 -4.30
N ALA A 145 -14.62 -3.42 -5.29
CA ALA A 145 -15.25 -2.12 -5.50
C ALA A 145 -15.22 -1.80 -6.98
N SER A 146 -16.37 -1.49 -7.57
CA SER A 146 -16.44 -1.18 -8.99
C SER A 146 -16.03 0.27 -9.23
N LEU A 147 -15.19 0.49 -10.23
CA LEU A 147 -14.77 1.84 -10.57
C LEU A 147 -15.91 2.61 -11.19
N LEU A 148 -16.04 3.89 -10.80
CA LEU A 148 -17.05 4.74 -11.44
C LEU A 148 -16.71 5.02 -12.89
N SER A 149 -15.43 5.11 -13.21
CA SER A 149 -14.96 5.28 -14.59
C SER A 149 -13.92 4.21 -14.88
N PRO A 150 -14.03 3.47 -15.99
CA PRO A 150 -13.01 2.47 -16.30
C PRO A 150 -11.68 3.15 -16.56
N ARG A 151 -10.59 2.44 -16.27
CA ARG A 151 -9.27 3.00 -16.43
C ARG A 151 -8.37 2.03 -17.20
N PRO A 152 -7.49 2.52 -18.07
CA PRO A 152 -6.45 1.64 -18.60
C PRO A 152 -5.61 1.11 -17.46
N ILE A 153 -5.17 -0.15 -17.59
CA ILE A 153 -4.49 -0.79 -16.47
C ILE A 153 -3.23 -0.04 -16.09
N SER A 154 -2.62 0.67 -17.07
CA SER A 154 -1.40 1.43 -16.77
C SER A 154 -1.65 2.53 -15.75
N TYR A 155 -2.91 2.98 -15.63
CA TYR A 155 -3.25 3.99 -14.63
C TYR A 155 -3.13 3.45 -13.22
N LEU A 156 -3.34 2.14 -13.03
CA LEU A 156 -3.32 1.54 -11.70
C LEU A 156 -2.07 0.73 -11.41
N LYS A 157 -1.30 0.35 -12.42
CA LYS A 157 -0.08 -0.42 -12.19
C LYS A 157 0.87 0.35 -11.27
N GLY A 158 1.52 -0.38 -10.38
CA GLY A 158 2.40 0.21 -9.41
C GLY A 158 1.73 0.72 -8.16
N SER A 159 0.42 0.55 -8.03
CA SER A 159 -0.31 1.02 -6.86
C SER A 159 -0.71 -0.09 -5.90
N SER A 160 -0.35 -1.34 -6.18
CA SER A 160 -0.60 -2.41 -5.23
C SER A 160 -0.01 -2.01 -3.89
N GLY A 161 -0.70 -2.35 -2.83
CA GLY A 161 -0.31 -1.95 -1.49
C GLY A 161 -0.82 -0.60 -1.06
N GLY A 162 -1.44 0.15 -1.97
CA GLY A 162 -1.99 1.45 -1.64
C GLY A 162 -3.33 1.35 -0.93
N PRO A 163 -3.77 2.47 -0.37
CA PRO A 163 -4.97 2.47 0.46
C PRO A 163 -6.26 2.63 -0.33
N VAL A 164 -7.28 1.91 0.11
CA VAL A 164 -8.67 2.15 -0.26
C VAL A 164 -9.35 2.80 0.93
N MET A 165 -9.95 3.97 0.70
CA MET A 165 -10.39 4.86 1.76
C MET A 165 -11.89 5.12 1.67
N CYS A 166 -12.46 5.49 2.80
CA CYS A 166 -13.85 5.94 2.89
C CYS A 166 -13.90 7.46 2.86
N PRO A 167 -15.11 8.04 2.76
CA PRO A 167 -15.19 9.51 2.67
C PRO A 167 -14.68 10.23 3.90
N SER A 168 -14.63 9.58 5.06
CA SER A 168 -14.15 10.20 6.28
C SER A 168 -12.65 10.10 6.47
N GLY A 169 -11.93 9.56 5.49
CA GLY A 169 -10.51 9.36 5.64
C GLY A 169 -10.09 8.14 6.44
N HIS A 170 -11.00 7.18 6.64
CA HIS A 170 -10.65 5.88 7.19
C HIS A 170 -10.12 4.97 6.08
N VAL A 171 -9.31 3.99 6.47
CA VAL A 171 -8.81 2.99 5.53
C VAL A 171 -9.74 1.79 5.56
N VAL A 172 -10.16 1.35 4.37
CA VAL A 172 -11.10 0.25 4.21
C VAL A 172 -10.37 -1.02 3.78
N GLY A 173 -9.25 -0.87 3.09
CA GLY A 173 -8.54 -2.04 2.59
C GLY A 173 -7.25 -1.63 1.92
N VAL A 174 -6.49 -2.64 1.52
CA VAL A 174 -5.20 -2.47 0.86
C VAL A 174 -5.30 -3.05 -0.54
N PHE A 175 -4.99 -2.21 -1.54
CA PHE A 175 -5.16 -2.57 -2.95
C PHE A 175 -4.28 -3.76 -3.34
N ARG A 176 -4.91 -4.77 -3.93
CA ARG A 176 -4.22 -6.01 -4.26
C ARG A 176 -4.18 -6.30 -5.76
N ALA A 177 -5.33 -6.19 -6.42
CA ALA A 177 -5.42 -6.57 -7.82
C ALA A 177 -6.57 -5.80 -8.47
N ALA A 178 -6.53 -5.73 -9.79
CA ALA A 178 -7.56 -5.08 -10.57
C ALA A 178 -8.36 -6.12 -11.35
N VAL A 179 -9.68 -5.96 -11.34
CA VAL A 179 -10.53 -6.72 -12.24
C VAL A 179 -10.40 -6.08 -13.61
N CYS A 180 -9.69 -6.75 -14.52
CA CYS A 180 -9.20 -6.13 -15.75
C CYS A 180 -9.29 -7.12 -16.90
N THR A 181 -9.99 -6.74 -17.96
CA THR A 181 -10.06 -7.51 -19.19
C THR A 181 -9.71 -6.59 -20.36
N ARG A 182 -8.98 -7.15 -21.33
CA ARG A 182 -8.58 -6.41 -22.52
C ARG A 182 -7.91 -5.09 -22.13
N GLY A 183 -7.11 -5.14 -21.06
CA GLY A 183 -6.30 -4.01 -20.68
C GLY A 183 -7.03 -2.86 -20.01
N VAL A 184 -8.27 -3.06 -19.61
CA VAL A 184 -9.07 -2.02 -18.96
C VAL A 184 -9.58 -2.52 -17.62
N ALA A 185 -9.29 -1.77 -16.57
CA ALA A 185 -9.72 -2.10 -15.23
C ALA A 185 -11.13 -1.60 -14.99
N LYS A 186 -11.99 -2.47 -14.46
N LYS A 186 -11.99 -2.48 -14.48
CA LYS A 186 -13.36 -2.10 -14.15
CA LYS A 186 -13.37 -2.15 -14.16
C LYS A 186 -13.69 -2.17 -12.66
C LYS A 186 -13.65 -2.10 -12.66
N ALA A 187 -12.84 -2.77 -11.85
CA ALA A 187 -13.09 -2.85 -10.42
C ALA A 187 -11.77 -3.10 -9.70
N LEU A 188 -11.79 -2.88 -8.40
CA LEU A 188 -10.63 -3.09 -7.54
C LEU A 188 -10.85 -4.32 -6.67
N ASP A 189 -9.79 -5.08 -6.46
CA ASP A 189 -9.74 -6.13 -5.45
C ASP A 189 -8.77 -5.68 -4.36
N PHE A 190 -9.20 -5.72 -3.11
CA PHE A 190 -8.40 -5.23 -2.01
C PHE A 190 -8.51 -6.16 -0.82
N ILE A 191 -7.46 -6.15 0.00
CA ILE A 191 -7.47 -6.88 1.27
C ILE A 191 -8.22 -6.02 2.28
N PRO A 192 -9.40 -6.44 2.75
CA PRO A 192 -10.16 -5.59 3.67
C PRO A 192 -9.46 -5.48 5.01
N VAL A 193 -9.66 -4.33 5.66
CA VAL A 193 -8.96 -4.06 6.91
C VAL A 193 -9.32 -5.11 7.96
N GLU A 194 -10.54 -5.63 7.91
CA GLU A 194 -10.93 -6.66 8.89
C GLU A 194 -10.08 -7.91 8.75
N ASN A 195 -9.60 -8.19 7.55
CA ASN A 195 -8.73 -9.34 7.33
C ASN A 195 -7.32 -9.09 7.83
N LEU A 196 -6.89 -7.83 7.93
CA LEU A 196 -5.63 -7.53 8.60
C LEU A 196 -5.75 -7.82 10.09
N GLU A 197 -6.85 -7.39 10.72
CA GLU A 197 -7.07 -7.69 12.12
C GLU A 197 -7.08 -9.20 12.36
N THR A 198 -7.74 -9.95 11.48
CA THR A 198 -7.72 -11.40 11.57
C THR A 198 -6.29 -11.93 11.49
N THR A 199 -5.49 -11.38 10.57
N THR A 199 -5.49 -11.39 10.57
CA THR A 199 -4.10 -11.79 10.46
CA THR A 199 -4.09 -11.81 10.47
C THR A 199 -3.33 -11.52 11.75
C THR A 199 -3.35 -11.54 11.76
N MET A 200 -3.59 -10.37 12.37
CA MET A 200 -2.93 -10.03 13.62
C MET A 200 -3.47 -10.83 14.80
N ARG A 201 -4.60 -11.51 14.64
CA ARG A 201 -5.14 -12.36 15.68
C ARG A 201 -4.88 -13.83 15.45
N SER A 202 -4.50 -14.23 14.23
CA SER A 202 -4.28 -15.64 13.94
C SER A 202 -3.22 -16.21 14.88
N PRO A 203 -3.47 -17.36 15.52
CA PRO A 203 -2.50 -17.92 16.48
C PRO A 203 -1.25 -18.51 15.81
ZN ZN B . -15.22 5.14 7.17
CL CL C . -8.16 -11.10 1.86
C1 EDO D . 6.70 -17.22 1.44
O1 EDO D . 7.65 -16.80 2.44
C2 EDO D . 5.95 -18.46 1.91
O2 EDO D . 5.06 -18.12 2.99
H11 EDO D . 6.00 -16.41 1.23
H12 EDO D . 7.23 -17.45 0.50
HO1 EDO D . 8.11 -16.01 2.13
H21 EDO D . 5.38 -18.88 1.08
H22 EDO D . 6.66 -19.22 2.24
HO2 EDO D . 4.57 -18.92 3.26
C13 O31 E . -2.96 -4.02 -9.75
C20 O31 E . -1.47 -8.37 -9.44
C21 O31 E . -0.26 -9.17 -9.54
C22 O31 E . -0.84 -10.50 -9.89
C01 O31 E . 3.66 -6.06 -10.12
C02 O31 E . 3.64 -4.90 -9.12
C03 O31 E . 4.99 -4.34 -8.63
C04 O31 E . 4.15 -5.23 -7.70
C09 O31 E . -0.41 -3.73 -9.16
C11 O31 E . -1.72 -4.48 -8.98
C12 O31 E . -2.82 -3.67 -8.26
C14 O31 E . -2.83 -2.82 -10.73
C18 O31 E . -1.38 -6.89 -9.77
C23 O31 E . -1.65 -10.15 -11.11
C25 O31 E . -3.57 -8.29 -11.11
C27 O31 E . -4.30 -8.92 -12.31
C29 O31 E . -6.26 -10.15 -11.34
C32 O31 E . -8.10 -11.31 -10.38
C33 O31 E . -9.62 -11.25 -10.43
C34 O31 E . -9.97 -10.27 -9.33
C35 O31 E . -8.83 -10.36 -8.29
C36 O31 E . -7.76 -11.28 -8.91
C38 O31 E . -6.56 -13.24 -8.43
C39 O31 E . -5.61 -12.65 -7.35
C40 O31 E . -4.42 -12.16 -7.70
C41 O31 E . -3.49 -11.56 -6.62
C42 O31 E . -2.05 -12.10 -6.72
C44 O31 E . -0.11 -13.39 -5.74
C45 O31 E . 0.43 -14.17 -4.67
C46 O31 E . 1.74 -14.63 -4.74
C47 O31 E . 2.53 -14.34 -5.86
C48 O31 E . 2.03 -13.56 -6.91
C49 O31 E . 0.70 -13.08 -6.84
C51 O31 E . -1.20 -11.78 -7.91
C55 O31 E . -4.06 -8.07 -13.57
C56 O31 E . -4.70 -6.66 -13.42
C57 O31 E . -4.68 -8.81 -14.80
C58 O31 E . -2.52 -7.95 -13.79
F15 O31 E . -2.12 -3.23 -11.85
F16 O31 E . -4.13 -2.48 -11.11
F53 O31 E . -3.43 -10.19 -6.77
F54 O31 E . -3.95 -11.85 -5.38
N08 O31 E . 0.79 -4.51 -9.02
N17 O31 E . -1.71 -5.94 -8.70
N24 O31 E . -2.34 -8.91 -10.57
N28 O31 E . -5.70 -8.96 -11.95
N43 O31 E . -1.53 -12.88 -5.67
N50 O31 E . 0.14 -12.24 -7.97
O06 O31 E . 2.39 -2.69 -8.14
O07 O31 E . 2.29 -3.00 -10.47
O10 O31 E . -0.36 -2.55 -9.35
O19 O31 E . -1.08 -6.51 -10.87
O26 O31 E . -4.00 -7.28 -10.61
O30 O31 E . -5.54 -11.09 -11.09
O31 O31 E . -7.63 -10.18 -11.04
O37 O31 E . -7.81 -12.55 -8.36
O52 O31 E . -1.78 -11.00 -8.95
S05 O31 E . 2.25 -3.72 -9.17
H131 O31 E . -3.57 -4.74 -9.97
H201 O31 E . -1.76 -8.47 -8.51
H212 O31 E . 0.33 -8.84 -10.25
H211 O31 E . 0.22 -9.20 -8.70
H221 O31 E . -0.11 -11.12 -10.00
H012 O31 E . 3.49 -6.89 -9.64
H013 O31 E . 4.53 -6.10 -10.54
H011 O31 E . 2.97 -5.92 -10.79
H031 O31 E . 4.99 -3.40 -8.41
H032 O31 E . 5.77 -4.75 -9.01
H042 O31 E . 3.70 -4.77 -6.98
H041 O31 E . 4.49 -6.13 -7.59
H122 O31 E . -2.60 -2.76 -8.06
H121 O31 E . -3.38 -4.18 -7.66
H141 O31 E . -2.38 -2.07 -10.33
H231 O31 E . -2.30 -10.85 -11.33
H232 O31 E . -1.10 -9.94 -11.88
H271 O31 E . -3.99 -9.82 -12.51
H321 O31 E . -7.75 -12.12 -10.77
H332 O31 E . -10.00 -12.12 -10.24
H331 O31 E . -9.91 -10.91 -11.28
H342 O31 E . -10.02 -9.37 -9.69
H341 O31 E . -10.81 -10.51 -8.92
H352 O31 E . -8.46 -9.47 -8.13
H351 O31 E . -9.17 -10.73 -7.46
H361 O31 E . -6.86 -10.92 -8.75
H382 O31 E . -6.17 -13.12 -9.31
H381 O31 E . -6.71 -14.19 -8.27
H391 O31 E . -5.87 -12.65 -6.45
H401 O31 E . -4.14 -12.17 -8.60
H451 O31 E . -0.10 -14.38 -3.94
H461 O31 E . 2.10 -15.13 -4.04
H471 O31 E . 3.40 -14.67 -5.91
H481 O31 E . 2.56 -13.36 -7.65
H563 O31 E . -5.65 -6.75 -13.25
H562 O31 E . -4.56 -6.15 -14.24
H561 O31 E . -4.28 -6.19 -12.68
H571 O31 E . -4.93 -9.71 -14.55
H573 O31 E . -5.47 -8.33 -15.09
H572 O31 E . -4.04 -8.84 -15.52
H583 O31 E . -2.15 -7.35 -13.13
H582 O31 E . -2.10 -8.82 -13.69
H581 O31 E . -2.34 -7.60 -14.68
H081 O31 E . 0.75 -5.36 -8.87
H171 O31 E . -1.90 -6.23 -7.92
H281 O31 E . -6.20 -8.27 -12.10
#